data_1YVR
#
_entry.id   1YVR
#
_cell.length_a   68.78
_cell.length_b   91.75
_cell.length_c   93.88
_cell.angle_alpha   90
_cell.angle_beta   90
_cell.angle_gamma   90
#
_symmetry.space_group_name_H-M   'P 21 21 21'
#
loop_
_entity.id
_entity.type
_entity.pdbx_description
1 polymer '60-kDa SS-A/Ro ribonucleoprotein'
2 water water
#
_entity_poly.entity_id   1
_entity_poly.type   'polypeptide(L)'
_entity_poly.pdbx_seq_one_letter_code
;MEATMDQTQPLNEKQVPNSEGCYVWQVSDMNRLRRFLCFGSEGGTYYIEEKKLGQENAEALLRLIEDGKGCEVVQEIKTF
SQEGRAAKQEPTLFALAVCSQCSDIKTKQAAFRAVPEVCRIPTHLFTFIQFKKDLKEGMKCGMWGRALRKAVSDWYNTKD
ALNLAMAVTKYKQRNGWSHKDLLRLSHIKPANEGLTMVAKYVSKGWKEVQEAYKEKELSPETEKVLKYLEATERVKRTKD
ELEIIHLIDEYRLVREHLLTIHLKSKEIWKSLLQDMPLTALLRNLGKMTADSVLAPASSEVSSVCERLTNEKLLKKARIH
PFHILVALETYKKGHGNRGKLRWIPDTSIVEALDNAFYKSFKLVEPTGKRFLLAIDVSASMNQRVLGSILNASVVAAAMC
MLVARTEKDSHMVAFSDEMLPCPITVNMLLHEVVEKMSDITMGSTDCALPMLWAQKTNTAADIFIVFTDCETNVEDVHPA
TALKQYREKMGIPAKLIVCAMTSNGFSIADPDDRGMLDICGFDSGALDVIRNFTLDLI
;
_entity_poly.pdbx_strand_id   A
#
# COMPACT_ATOMS: atom_id res chain seq x y z
N MET A 5 34.40 -18.02 -10.90
CA MET A 5 32.92 -18.19 -10.94
C MET A 5 32.20 -16.84 -11.10
N ASP A 6 31.39 -16.70 -12.15
CA ASP A 6 30.65 -15.45 -12.36
C ASP A 6 29.14 -15.69 -12.29
N GLN A 7 28.36 -14.63 -12.49
CA GLN A 7 26.89 -14.69 -12.46
C GLN A 7 26.20 -15.58 -13.50
N THR A 8 26.92 -15.92 -14.57
CA THR A 8 26.32 -16.75 -15.60
C THR A 8 26.38 -18.25 -15.23
N GLN A 9 27.02 -18.57 -14.10
CA GLN A 9 27.16 -19.95 -13.63
C GLN A 9 26.51 -20.07 -12.26
N PRO A 10 25.95 -21.25 -11.93
CA PRO A 10 25.29 -21.51 -10.64
C PRO A 10 26.29 -21.63 -9.49
N LEU A 11 26.06 -20.87 -8.43
CA LEU A 11 26.94 -20.91 -7.26
C LEU A 11 26.85 -22.28 -6.61
N ASN A 12 25.64 -22.83 -6.58
CA ASN A 12 25.40 -24.15 -6.03
C ASN A 12 24.16 -24.72 -6.69
N GLU A 13 23.74 -25.92 -6.29
CA GLU A 13 22.59 -26.54 -6.92
C GLU A 13 21.23 -25.91 -6.61
N LYS A 14 21.16 -25.04 -5.61
CA LYS A 14 19.87 -24.42 -5.29
C LYS A 14 19.52 -23.22 -6.17
N GLN A 15 20.50 -22.68 -6.87
CA GLN A 15 20.24 -21.52 -7.71
C GLN A 15 19.43 -21.85 -8.95
N VAL A 16 18.76 -20.82 -9.47
CA VAL A 16 17.92 -20.93 -10.64
C VAL A 16 18.24 -19.74 -11.53
N PRO A 17 18.00 -19.87 -12.84
CA PRO A 17 18.30 -18.77 -13.76
C PRO A 17 17.24 -17.66 -13.68
N ASN A 18 17.68 -16.39 -13.67
CA ASN A 18 16.69 -15.31 -13.66
C ASN A 18 16.27 -15.01 -15.10
N SER A 19 15.57 -13.89 -15.32
CA SER A 19 15.08 -13.54 -16.64
C SER A 19 16.18 -13.35 -17.66
N GLU A 20 17.38 -13.07 -17.19
CA GLU A 20 18.53 -12.86 -18.06
C GLU A 20 19.41 -14.12 -18.12
N GLY A 21 18.92 -15.22 -17.55
CA GLY A 21 19.69 -16.45 -17.59
C GLY A 21 20.83 -16.53 -16.59
N CYS A 22 20.95 -15.53 -15.72
CA CYS A 22 22.02 -15.58 -14.74
C CYS A 22 21.48 -16.16 -13.45
N TYR A 23 22.37 -16.69 -12.63
CA TYR A 23 21.95 -17.36 -11.42
C TYR A 23 21.75 -16.60 -10.12
N VAL A 24 20.61 -16.89 -9.52
CA VAL A 24 20.19 -16.32 -8.25
C VAL A 24 19.45 -17.42 -7.52
N TRP A 25 18.99 -17.12 -6.31
CA TRP A 25 18.21 -18.09 -5.54
C TRP A 25 16.76 -17.72 -5.71
N GLN A 26 15.88 -18.69 -5.47
CA GLN A 26 14.46 -18.41 -5.56
C GLN A 26 14.12 -17.84 -4.20
N VAL A 27 13.46 -16.69 -4.15
CA VAL A 27 13.11 -16.12 -2.84
C VAL A 27 12.15 -17.14 -2.18
N SER A 28 12.10 -17.18 -0.84
CA SER A 28 11.22 -18.14 -0.16
C SER A 28 9.75 -17.81 -0.51
N ASP A 29 8.90 -18.82 -0.52
CA ASP A 29 7.50 -18.58 -0.86
C ASP A 29 6.82 -17.58 0.08
N MET A 30 7.12 -17.66 1.38
CA MET A 30 6.55 -16.72 2.34
C MET A 30 7.01 -15.30 2.06
N ASN A 31 8.29 -15.13 1.70
CA ASN A 31 8.76 -13.78 1.41
C ASN A 31 8.18 -13.33 0.06
N ARG A 32 7.92 -14.25 -0.87
CA ARG A 32 7.33 -13.83 -2.14
C ARG A 32 5.88 -13.38 -1.91
N LEU A 33 5.20 -14.04 -0.96
CA LEU A 33 3.85 -13.65 -0.61
C LEU A 33 3.90 -12.19 -0.12
N ARG A 34 4.89 -11.86 0.70
CA ARG A 34 5.00 -10.48 1.19
C ARG A 34 5.29 -9.52 0.03
N ARG A 35 6.15 -9.93 -0.90
CA ARG A 35 6.45 -9.10 -2.08
C ARG A 35 5.15 -8.83 -2.84
N PHE A 36 4.34 -9.87 -3.00
CA PHE A 36 3.06 -9.78 -3.69
C PHE A 36 2.10 -8.85 -2.93
N LEU A 37 1.99 -9.02 -1.62
CA LEU A 37 1.09 -8.17 -0.85
C LEU A 37 1.45 -6.70 -1.00
N CYS A 38 2.75 -6.39 -1.07
CA CYS A 38 3.22 -5.01 -1.18
C CYS A 38 3.23 -4.41 -2.59
N PHE A 39 3.56 -5.23 -3.57
CA PHE A 39 3.64 -4.75 -4.96
C PHE A 39 2.56 -5.23 -5.92
N GLY A 40 1.88 -6.30 -5.56
CA GLY A 40 0.89 -6.83 -6.47
C GLY A 40 1.61 -7.29 -7.72
N SER A 41 0.88 -7.37 -8.84
CA SER A 41 1.47 -7.81 -10.07
C SER A 41 0.95 -7.02 -11.26
N GLU A 42 0.26 -5.91 -11.00
CA GLU A 42 -0.27 -5.09 -12.08
C GLU A 42 0.87 -4.59 -12.95
N GLY A 43 0.72 -4.73 -14.27
CA GLY A 43 1.78 -4.29 -15.18
C GLY A 43 2.97 -5.23 -15.25
N GLY A 44 2.95 -6.30 -14.46
CA GLY A 44 4.05 -7.26 -14.45
C GLY A 44 5.36 -6.62 -14.06
N THR A 45 6.46 -7.13 -14.59
CA THR A 45 7.76 -6.53 -14.33
C THR A 45 8.36 -6.29 -15.70
N TYR A 46 9.54 -5.70 -15.74
CA TYR A 46 10.22 -5.44 -17.00
C TYR A 46 10.27 -6.70 -17.87
N TYR A 47 10.54 -7.82 -17.20
CA TYR A 47 10.71 -9.12 -17.87
C TYR A 47 9.54 -10.08 -17.86
N ILE A 48 8.56 -9.83 -16.98
CA ILE A 48 7.45 -10.77 -16.83
C ILE A 48 6.11 -10.11 -17.09
N GLU A 49 5.37 -10.64 -18.05
CA GLU A 49 4.06 -10.10 -18.39
C GLU A 49 3.11 -10.19 -17.18
N GLU A 50 2.16 -9.26 -17.11
CA GLU A 50 1.21 -9.17 -16.00
C GLU A 50 0.50 -10.45 -15.55
N LYS A 51 -0.23 -11.10 -16.45
CA LYS A 51 -0.94 -12.33 -16.10
C LYS A 51 0.02 -13.41 -15.60
N LYS A 52 1.14 -13.55 -16.29
CA LYS A 52 2.16 -14.53 -15.91
C LYS A 52 2.71 -14.22 -14.51
N LEU A 53 2.93 -12.95 -14.21
CA LEU A 53 3.43 -12.60 -12.90
C LEU A 53 2.40 -12.93 -11.84
N GLY A 54 1.11 -12.70 -12.15
CA GLY A 54 0.09 -13.04 -11.18
C GLY A 54 0.04 -14.55 -10.97
N GLN A 55 0.14 -15.31 -12.05
CA GLN A 55 0.10 -16.77 -11.92
C GLN A 55 1.31 -17.29 -11.12
N GLU A 56 2.46 -16.66 -11.29
CA GLU A 56 3.66 -17.07 -10.55
C GLU A 56 3.45 -16.89 -9.05
N ASN A 57 2.86 -15.76 -8.70
CA ASN A 57 2.56 -15.47 -7.32
C ASN A 57 1.46 -16.38 -6.76
N ALA A 58 0.46 -16.69 -7.58
CA ALA A 58 -0.63 -17.59 -7.17
C ALA A 58 -0.07 -19.01 -6.94
N GLU A 59 0.90 -19.41 -7.74
CA GLU A 59 1.51 -20.73 -7.61
C GLU A 59 2.32 -20.81 -6.34
N ALA A 60 2.99 -19.72 -5.98
CA ALA A 60 3.79 -19.73 -4.75
C ALA A 60 2.86 -19.89 -3.56
N LEU A 61 1.70 -19.26 -3.65
CA LEU A 61 0.73 -19.34 -2.57
C LEU A 61 0.23 -20.79 -2.48
N LEU A 62 -0.02 -21.39 -3.64
CA LEU A 62 -0.50 -22.76 -3.65
C LEU A 62 0.52 -23.75 -3.08
N ARG A 63 1.81 -23.48 -3.28
CA ARG A 63 2.84 -24.37 -2.74
C ARG A 63 2.82 -24.27 -1.21
N LEU A 64 2.71 -23.04 -0.70
CA LEU A 64 2.63 -22.79 0.74
C LEU A 64 1.50 -23.63 1.37
N ILE A 65 0.34 -23.58 0.74
CA ILE A 65 -0.82 -24.33 1.24
C ILE A 65 -0.51 -25.82 1.17
N GLU A 66 -0.04 -26.26 0.00
CA GLU A 66 0.31 -27.66 -0.24
C GLU A 66 1.30 -28.15 0.82
N ASP A 67 2.16 -27.24 1.29
CA ASP A 67 3.15 -27.56 2.30
C ASP A 67 2.67 -27.38 3.73
N GLY A 68 1.37 -27.20 3.90
CA GLY A 68 0.80 -27.06 5.24
C GLY A 68 0.90 -25.71 5.92
N LYS A 69 1.30 -24.67 5.18
CA LYS A 69 1.42 -23.33 5.76
C LYS A 69 0.18 -22.47 5.53
N GLY A 70 -0.90 -23.08 5.06
CA GLY A 70 -2.12 -22.35 4.78
C GLY A 70 -2.59 -21.38 5.84
N CYS A 71 -2.63 -21.82 7.10
CA CYS A 71 -3.06 -20.98 8.20
C CYS A 71 -2.05 -19.88 8.51
N GLU A 72 -0.79 -20.14 8.19
CA GLU A 72 0.24 -19.14 8.42
C GLU A 72 0.05 -18.03 7.41
N VAL A 73 -0.34 -18.42 6.21
CA VAL A 73 -0.58 -17.47 5.13
C VAL A 73 -1.75 -16.57 5.54
N VAL A 74 -2.86 -17.18 5.95
CA VAL A 74 -4.01 -16.37 6.33
C VAL A 74 -3.66 -15.45 7.47
N GLN A 75 -2.89 -15.93 8.44
CA GLN A 75 -2.50 -15.07 9.56
C GLN A 75 -1.68 -13.89 9.05
N GLU A 76 -0.77 -14.17 8.11
CA GLU A 76 0.07 -13.11 7.56
C GLU A 76 -0.81 -12.06 6.87
N ILE A 77 -1.75 -12.52 6.06
CA ILE A 77 -2.67 -11.62 5.36
C ILE A 77 -3.41 -10.74 6.36
N LYS A 78 -3.96 -11.33 7.42
CA LYS A 78 -4.67 -10.55 8.43
C LYS A 78 -3.75 -9.52 9.08
N THR A 79 -2.52 -9.92 9.35
CA THR A 79 -1.54 -9.03 9.98
C THR A 79 -1.18 -7.82 9.13
N PHE A 80 -0.89 -8.05 7.85
CA PHE A 80 -0.56 -6.94 6.95
C PHE A 80 -1.75 -5.98 6.88
N SER A 81 -2.94 -6.55 6.69
CA SER A 81 -4.14 -5.71 6.59
C SER A 81 -4.41 -4.91 7.86
N GLN A 82 -4.25 -5.56 9.01
CA GLN A 82 -4.52 -4.86 10.27
C GLN A 82 -3.52 -3.72 10.48
N GLU A 83 -2.25 -4.00 10.23
CA GLU A 83 -1.19 -3.00 10.41
C GLU A 83 -1.02 -2.02 9.23
N GLY A 84 -1.82 -2.20 8.18
CA GLY A 84 -1.74 -1.32 7.02
C GLY A 84 -0.38 -1.29 6.33
N ARG A 85 0.31 -2.42 6.35
CA ARG A 85 1.64 -2.52 5.73
C ARG A 85 1.74 -2.44 4.20
N ALA A 86 0.65 -2.76 3.50
CA ALA A 86 0.62 -2.73 2.04
C ALA A 86 -0.18 -1.53 1.50
N ALA A 87 0.30 -0.94 0.41
CA ALA A 87 -0.33 0.21 -0.22
C ALA A 87 -1.71 -0.08 -0.80
N LYS A 88 -1.87 -1.27 -1.38
CA LYS A 88 -3.15 -1.66 -1.97
C LYS A 88 -3.71 -2.91 -1.33
N GLN A 89 -5.03 -2.99 -1.25
CA GLN A 89 -5.69 -4.15 -0.64
C GLN A 89 -5.92 -5.28 -1.66
N GLU A 90 -5.88 -4.97 -2.95
CA GLU A 90 -6.16 -6.00 -3.97
C GLU A 90 -5.41 -7.33 -3.86
N PRO A 91 -4.08 -7.27 -3.77
CA PRO A 91 -3.25 -8.48 -3.65
C PRO A 91 -3.69 -9.30 -2.44
N THR A 92 -3.85 -8.60 -1.31
CA THR A 92 -4.28 -9.19 -0.07
C THR A 92 -5.63 -9.90 -0.28
N LEU A 93 -6.56 -9.22 -0.95
CA LEU A 93 -7.89 -9.81 -1.19
C LEU A 93 -7.84 -11.01 -2.12
N PHE A 94 -6.98 -10.93 -3.14
CA PHE A 94 -6.82 -12.05 -4.06
C PHE A 94 -6.28 -13.27 -3.32
N ALA A 95 -5.27 -13.03 -2.48
CA ALA A 95 -4.65 -14.10 -1.72
C ALA A 95 -5.66 -14.71 -0.76
N LEU A 96 -6.49 -13.88 -0.13
CA LEU A 96 -7.52 -14.39 0.79
C LEU A 96 -8.55 -15.23 0.04
N ALA A 97 -8.91 -14.78 -1.16
CA ALA A 97 -9.87 -15.48 -2.00
C ALA A 97 -9.30 -16.86 -2.33
N VAL A 98 -8.05 -16.89 -2.79
CA VAL A 98 -7.41 -18.16 -3.13
C VAL A 98 -7.48 -19.13 -1.95
N CYS A 99 -7.17 -18.61 -0.75
CA CYS A 99 -7.20 -19.43 0.45
C CYS A 99 -8.60 -19.93 0.81
N SER A 100 -9.62 -19.13 0.53
CA SER A 100 -11.00 -19.52 0.84
C SER A 100 -11.54 -20.67 -0.02
N GLN A 101 -10.84 -21.03 -1.08
CA GLN A 101 -11.31 -22.13 -1.92
C GLN A 101 -10.25 -23.19 -2.19
N CYS A 102 -9.17 -23.18 -1.43
CA CYS A 102 -8.13 -24.17 -1.68
C CYS A 102 -8.47 -25.56 -1.16
N SER A 103 -7.49 -26.46 -1.33
CA SER A 103 -7.59 -27.86 -0.95
C SER A 103 -7.56 -28.12 0.54
N ASP A 104 -6.99 -27.20 1.31
CA ASP A 104 -6.87 -27.38 2.74
C ASP A 104 -8.11 -26.93 3.52
N ILE A 105 -8.82 -27.91 4.08
CA ILE A 105 -10.02 -27.63 4.87
C ILE A 105 -9.81 -26.52 5.89
N LYS A 106 -8.75 -26.65 6.68
CA LYS A 106 -8.41 -25.69 7.73
C LYS A 106 -8.10 -24.29 7.22
N THR A 107 -7.45 -24.21 6.05
CA THR A 107 -7.10 -22.90 5.48
C THR A 107 -8.40 -22.24 4.98
N LYS A 108 -9.27 -23.04 4.34
CA LYS A 108 -10.54 -22.49 3.86
C LYS A 108 -11.29 -21.86 5.02
N GLN A 109 -11.43 -22.63 6.10
CA GLN A 109 -12.13 -22.14 7.26
C GLN A 109 -11.49 -20.88 7.85
N ALA A 110 -10.17 -20.83 7.88
CA ALA A 110 -9.50 -19.66 8.43
C ALA A 110 -9.69 -18.45 7.51
N ALA A 111 -9.66 -18.69 6.20
CA ALA A 111 -9.84 -17.59 5.24
C ALA A 111 -11.22 -16.96 5.42
N PHE A 112 -12.26 -17.80 5.43
CA PHE A 112 -13.61 -17.28 5.61
C PHE A 112 -13.78 -16.51 6.89
N ARG A 113 -13.16 -17.00 7.97
CA ARG A 113 -13.25 -16.34 9.27
C ARG A 113 -12.63 -14.94 9.27
N ALA A 114 -11.65 -14.73 8.39
CA ALA A 114 -10.94 -13.46 8.30
C ALA A 114 -11.62 -12.41 7.39
N VAL A 115 -12.60 -12.83 6.60
CA VAL A 115 -13.27 -11.88 5.70
C VAL A 115 -13.82 -10.61 6.38
N PRO A 116 -14.56 -10.74 7.50
CA PRO A 116 -15.03 -9.47 8.07
C PRO A 116 -13.97 -8.46 8.50
N GLU A 117 -12.80 -8.95 8.88
CA GLU A 117 -11.76 -8.04 9.31
C GLU A 117 -10.87 -7.58 8.14
N VAL A 118 -10.53 -8.49 7.24
CA VAL A 118 -9.65 -8.15 6.13
C VAL A 118 -10.35 -7.29 5.08
N CYS A 119 -11.67 -7.44 4.97
CA CYS A 119 -12.43 -6.60 4.04
C CYS A 119 -12.84 -5.43 4.90
N ARG A 120 -11.96 -4.43 4.96
CA ARG A 120 -12.19 -3.27 5.81
C ARG A 120 -13.34 -2.33 5.38
N ILE A 121 -13.46 -2.10 4.09
CA ILE A 121 -14.50 -1.23 3.58
C ILE A 121 -15.31 -1.93 2.51
N PRO A 122 -16.46 -1.36 2.14
CA PRO A 122 -17.29 -2.00 1.10
C PRO A 122 -16.55 -2.44 -0.16
N THR A 123 -15.74 -1.55 -0.72
CA THR A 123 -14.99 -1.85 -1.95
C THR A 123 -14.23 -3.17 -1.83
N HIS A 124 -13.66 -3.38 -0.65
CA HIS A 124 -12.89 -4.59 -0.41
C HIS A 124 -13.77 -5.82 -0.49
N LEU A 125 -14.92 -5.80 0.19
CA LEU A 125 -15.82 -6.94 0.17
C LEU A 125 -16.20 -7.24 -1.28
N PHE A 126 -16.58 -6.20 -2.03
CA PHE A 126 -16.96 -6.40 -3.42
C PHE A 126 -15.81 -7.00 -4.25
N THR A 127 -14.59 -6.52 -4.01
CA THR A 127 -13.43 -7.02 -4.74
C THR A 127 -13.19 -8.49 -4.40
N PHE A 128 -13.28 -8.81 -3.11
CA PHE A 128 -13.08 -10.18 -2.61
C PHE A 128 -14.07 -11.11 -3.30
N ILE A 129 -15.35 -10.72 -3.32
CA ILE A 129 -16.38 -11.54 -3.96
C ILE A 129 -16.08 -11.74 -5.45
N GLN A 130 -15.68 -10.67 -6.13
CA GLN A 130 -15.38 -10.74 -7.56
C GLN A 130 -14.24 -11.73 -7.81
N PHE A 131 -13.23 -11.72 -6.93
CA PHE A 131 -12.12 -12.65 -7.06
C PHE A 131 -12.61 -14.08 -6.84
N LYS A 132 -13.52 -14.29 -5.89
CA LYS A 132 -14.00 -15.64 -5.67
C LYS A 132 -14.79 -16.12 -6.89
N LYS A 133 -15.53 -15.22 -7.51
CA LYS A 133 -16.25 -15.55 -8.73
C LYS A 133 -15.18 -15.85 -9.78
N ASP A 134 -14.19 -14.97 -9.90
CA ASP A 134 -13.07 -15.14 -10.83
C ASP A 134 -12.58 -16.58 -10.76
N LEU A 135 -12.25 -17.01 -9.56
CA LEU A 135 -11.75 -18.35 -9.30
C LEU A 135 -12.83 -19.40 -9.46
N TRP A 144 -22.47 -19.52 -3.89
CA TRP A 144 -22.87 -19.08 -2.56
C TRP A 144 -23.26 -20.21 -1.63
N GLY A 145 -22.25 -20.91 -1.13
CA GLY A 145 -22.50 -21.99 -0.20
C GLY A 145 -22.70 -21.39 1.18
N ARG A 146 -22.94 -22.24 2.16
CA ARG A 146 -23.15 -21.77 3.50
C ARG A 146 -21.96 -20.95 4.00
N ALA A 147 -20.74 -21.35 3.65
CA ALA A 147 -19.58 -20.60 4.17
C ALA A 147 -19.53 -19.14 3.68
N LEU A 148 -19.76 -18.92 2.39
CA LEU A 148 -19.72 -17.57 1.85
C LEU A 148 -20.88 -16.73 2.41
N ARG A 149 -22.07 -17.33 2.51
CA ARG A 149 -23.19 -16.58 3.04
C ARG A 149 -22.93 -16.14 4.48
N LYS A 150 -22.33 -17.04 5.27
CA LYS A 150 -22.02 -16.74 6.65
C LYS A 150 -20.98 -15.64 6.76
N ALA A 151 -19.95 -15.71 5.90
CA ALA A 151 -18.87 -14.73 5.89
C ALA A 151 -19.41 -13.34 5.54
N VAL A 152 -20.25 -13.29 4.51
CA VAL A 152 -20.83 -12.01 4.11
C VAL A 152 -21.77 -11.49 5.18
N SER A 153 -22.58 -12.38 5.75
CA SER A 153 -23.53 -11.99 6.81
C SER A 153 -22.74 -11.44 7.99
N ASP A 154 -21.64 -12.10 8.29
CA ASP A 154 -20.74 -11.72 9.39
C ASP A 154 -20.16 -10.34 9.16
N TRP A 155 -19.80 -10.05 7.92
CA TRP A 155 -19.21 -8.77 7.55
C TRP A 155 -20.16 -7.62 7.92
N TYR A 156 -21.41 -7.72 7.49
CA TYR A 156 -22.39 -6.66 7.80
C TYR A 156 -22.72 -6.58 9.28
N ASN A 157 -22.91 -7.75 9.91
CA ASN A 157 -23.27 -7.79 11.33
C ASN A 157 -22.17 -7.38 12.30
N THR A 158 -20.94 -7.25 11.80
CA THR A 158 -19.84 -6.83 12.65
C THR A 158 -19.46 -5.38 12.42
N LYS A 159 -20.15 -4.69 11.50
CA LYS A 159 -19.84 -3.29 11.24
C LYS A 159 -20.79 -2.41 12.06
N ASP A 160 -20.39 -1.17 12.27
CA ASP A 160 -21.23 -0.23 13.00
C ASP A 160 -22.32 0.25 12.03
N ALA A 161 -23.57 0.18 12.45
CA ALA A 161 -24.71 0.59 11.61
C ALA A 161 -24.56 2.00 11.07
N LEU A 162 -24.12 2.93 11.90
CA LEU A 162 -23.97 4.29 11.45
C LEU A 162 -22.91 4.35 10.36
N ASN A 163 -21.78 3.67 10.55
CA ASN A 163 -20.75 3.69 9.52
C ASN A 163 -21.25 3.05 8.24
N LEU A 164 -22.10 2.03 8.36
CA LEU A 164 -22.65 1.40 7.15
C LEU A 164 -23.55 2.40 6.43
N ALA A 165 -24.39 3.09 7.20
CA ALA A 165 -25.30 4.09 6.66
C ALA A 165 -24.52 5.15 5.90
N MET A 166 -23.36 5.49 6.43
CA MET A 166 -22.53 6.49 5.77
C MET A 166 -22.05 6.01 4.41
N ALA A 167 -21.71 4.73 4.34
CA ALA A 167 -21.24 4.17 3.08
C ALA A 167 -22.33 3.96 2.04
N VAL A 168 -23.45 3.36 2.44
CA VAL A 168 -24.51 3.08 1.49
C VAL A 168 -25.24 4.31 0.95
N THR A 169 -25.08 5.46 1.62
CA THR A 169 -25.75 6.66 1.17
C THR A 169 -24.97 7.49 0.15
N LYS A 170 -23.77 7.04 -0.20
CA LYS A 170 -22.94 7.74 -1.20
C LYS A 170 -23.45 7.38 -2.60
N TYR A 171 -23.15 8.19 -3.59
CA TYR A 171 -23.64 7.87 -4.94
C TYR A 171 -23.09 6.52 -5.45
N LYS A 172 -23.96 5.78 -6.13
CA LYS A 172 -23.62 4.45 -6.65
C LYS A 172 -22.92 4.49 -8.01
N GLN A 173 -22.15 3.47 -8.30
CA GLN A 173 -21.46 3.39 -9.57
C GLN A 173 -21.96 2.17 -10.34
N ARG A 174 -21.88 2.19 -11.66
CA ARG A 174 -22.32 1.05 -12.46
C ARG A 174 -21.19 0.03 -12.61
N ASN A 175 -20.77 -0.52 -11.47
CA ASN A 175 -19.69 -1.50 -11.42
C ASN A 175 -20.19 -2.89 -11.05
N GLY A 176 -21.51 -3.06 -11.03
CA GLY A 176 -22.08 -4.36 -10.71
C GLY A 176 -22.06 -4.69 -9.22
N TRP A 177 -21.46 -3.81 -8.42
CA TRP A 177 -21.37 -4.01 -6.97
C TRP A 177 -22.60 -3.46 -6.27
N SER A 178 -23.41 -4.33 -5.69
CA SER A 178 -24.62 -3.87 -5.01
C SER A 178 -24.83 -4.41 -3.60
N HIS A 179 -25.04 -3.52 -2.64
CA HIS A 179 -25.29 -3.94 -1.27
C HIS A 179 -26.62 -4.68 -1.25
N LYS A 180 -27.56 -4.21 -2.07
CA LYS A 180 -28.87 -4.87 -2.13
C LYS A 180 -28.69 -6.36 -2.49
N ASP A 181 -27.84 -6.62 -3.47
CA ASP A 181 -27.60 -8.00 -3.90
C ASP A 181 -26.91 -8.84 -2.82
N LEU A 182 -25.88 -8.29 -2.18
CA LEU A 182 -25.17 -9.04 -1.14
C LEU A 182 -26.08 -9.35 0.05
N LEU A 183 -26.92 -8.39 0.44
CA LEU A 183 -27.83 -8.63 1.56
C LEU A 183 -28.78 -9.77 1.21
N ARG A 184 -29.10 -9.90 -0.07
CA ARG A 184 -30.01 -10.95 -0.53
C ARG A 184 -29.32 -12.30 -0.68
N LEU A 185 -28.19 -12.31 -1.36
CA LEU A 185 -27.43 -13.54 -1.62
C LEU A 185 -26.89 -14.17 -0.33
N SER A 186 -26.61 -13.32 0.66
CA SER A 186 -26.08 -13.79 1.93
C SER A 186 -27.19 -14.31 2.87
N HIS A 187 -28.45 -14.03 2.54
CA HIS A 187 -29.56 -14.46 3.39
C HIS A 187 -29.36 -13.94 4.81
N ILE A 188 -28.67 -12.80 4.93
CA ILE A 188 -28.38 -12.23 6.24
C ILE A 188 -29.59 -12.03 7.14
N LYS A 189 -29.34 -12.11 8.44
CA LYS A 189 -30.34 -11.88 9.47
C LYS A 189 -29.69 -10.80 10.33
N PRO A 190 -30.04 -9.53 10.10
CA PRO A 190 -29.47 -8.40 10.87
C PRO A 190 -29.43 -8.65 12.38
N ALA A 191 -28.26 -8.41 12.97
CA ALA A 191 -28.04 -8.64 14.40
C ALA A 191 -28.48 -7.53 15.35
N ASN A 192 -28.66 -6.32 14.84
CA ASN A 192 -29.09 -5.21 15.69
C ASN A 192 -30.07 -4.33 14.91
N GLU A 193 -30.85 -3.51 15.61
CA GLU A 193 -31.83 -2.66 14.96
C GLU A 193 -31.25 -1.68 13.93
N GLY A 194 -30.07 -1.15 14.22
CA GLY A 194 -29.44 -0.24 13.27
C GLY A 194 -29.19 -0.93 11.94
N LEU A 195 -28.69 -2.17 11.98
CA LEU A 195 -28.44 -2.91 10.74
C LEU A 195 -29.75 -3.30 10.06
N THR A 196 -30.76 -3.64 10.86
CA THR A 196 -32.05 -3.96 10.27
C THR A 196 -32.54 -2.74 9.49
N MET A 197 -32.36 -1.57 10.09
CA MET A 197 -32.78 -0.30 9.50
C MET A 197 -32.03 0.01 8.20
N VAL A 198 -30.71 -0.10 8.23
CA VAL A 198 -29.92 0.17 7.03
C VAL A 198 -30.21 -0.85 5.94
N ALA A 199 -30.42 -2.11 6.34
CA ALA A 199 -30.71 -3.14 5.36
C ALA A 199 -32.02 -2.83 4.68
N LYS A 200 -32.97 -2.29 5.44
CA LYS A 200 -34.28 -1.95 4.90
C LYS A 200 -34.14 -0.75 3.97
N TYR A 201 -33.27 0.18 4.37
CA TYR A 201 -33.01 1.34 3.54
C TYR A 201 -32.46 0.92 2.18
N VAL A 202 -31.55 -0.05 2.19
CA VAL A 202 -30.92 -0.54 0.96
C VAL A 202 -31.84 -1.39 0.09
N SER A 203 -32.57 -2.30 0.73
CA SER A 203 -33.43 -3.21 0.02
C SER A 203 -34.81 -2.70 -0.36
N LYS A 204 -35.38 -1.87 0.50
CA LYS A 204 -36.74 -1.35 0.27
C LYS A 204 -36.81 0.13 -0.09
N GLY A 205 -36.01 0.95 0.59
CA GLY A 205 -36.00 2.38 0.31
C GLY A 205 -36.34 3.25 1.50
N TRP A 206 -36.03 4.53 1.37
CA TRP A 206 -36.27 5.51 2.42
C TRP A 206 -37.74 5.60 2.88
N LYS A 207 -38.70 5.61 1.97
CA LYS A 207 -40.12 5.68 2.38
C LYS A 207 -40.47 4.54 3.35
N GLU A 208 -40.04 3.34 2.99
CA GLU A 208 -40.30 2.16 3.79
C GLU A 208 -39.66 2.29 5.18
N VAL A 209 -38.45 2.83 5.24
CA VAL A 209 -37.76 3.03 6.51
C VAL A 209 -38.58 3.99 7.37
N GLN A 210 -38.95 5.12 6.79
CA GLN A 210 -39.72 6.10 7.54
C GLN A 210 -40.99 5.50 8.15
N GLU A 211 -41.71 4.73 7.32
CA GLU A 211 -42.95 4.12 7.79
C GLU A 211 -42.74 3.03 8.84
N ALA A 212 -41.68 2.25 8.69
CA ALA A 212 -41.41 1.18 9.64
C ALA A 212 -40.95 1.72 10.99
N TYR A 213 -40.31 2.89 10.98
CA TYR A 213 -39.81 3.49 12.22
C TYR A 213 -40.53 4.69 12.82
N LYS A 214 -41.75 4.94 12.36
CA LYS A 214 -42.54 6.05 12.93
C LYS A 214 -43.23 5.44 14.15
N GLU A 215 -43.18 6.11 15.30
CA GLU A 215 -43.82 5.61 16.52
C GLU A 215 -42.97 4.55 17.21
N LYS A 216 -41.84 4.21 16.61
CA LYS A 216 -40.99 3.18 17.17
C LYS A 216 -39.99 3.65 18.22
N GLU A 217 -39.89 2.88 19.31
CA GLU A 217 -38.97 3.16 20.42
C GLU A 217 -37.58 2.74 19.95
N LEU A 218 -36.69 3.70 19.80
CA LEU A 218 -35.35 3.38 19.36
C LEU A 218 -34.32 3.79 20.39
N SER A 219 -33.23 3.04 20.47
CA SER A 219 -32.17 3.41 21.40
C SER A 219 -31.56 4.69 20.83
N PRO A 220 -30.81 5.45 21.64
CA PRO A 220 -30.21 6.65 21.08
C PRO A 220 -29.24 6.32 19.95
N GLU A 221 -28.68 5.11 19.98
CA GLU A 221 -27.76 4.70 18.95
C GLU A 221 -28.49 4.45 17.63
N THR A 222 -29.62 3.75 17.70
CA THR A 222 -30.40 3.46 16.50
C THR A 222 -31.02 4.76 15.99
N GLU A 223 -31.35 5.66 16.90
CA GLU A 223 -31.94 6.94 16.51
C GLU A 223 -30.93 7.71 15.65
N LYS A 224 -29.65 7.69 16.05
CA LYS A 224 -28.64 8.40 15.27
C LYS A 224 -28.58 7.88 13.85
N VAL A 225 -28.85 6.59 13.67
CA VAL A 225 -28.82 6.01 12.33
C VAL A 225 -29.96 6.59 11.52
N LEU A 226 -31.14 6.63 12.12
CA LEU A 226 -32.32 7.16 11.45
C LEU A 226 -32.18 8.64 11.09
N LYS A 227 -31.64 9.43 12.02
CA LYS A 227 -31.46 10.85 11.78
C LYS A 227 -30.40 11.11 10.70
N TYR A 228 -29.39 10.25 10.64
CA TYR A 228 -28.35 10.39 9.63
C TYR A 228 -28.93 10.10 8.22
N LEU A 229 -29.69 9.02 8.08
CA LEU A 229 -30.31 8.70 6.79
C LEU A 229 -31.18 9.89 6.35
N GLU A 230 -31.94 10.44 7.31
CA GLU A 230 -32.80 11.58 7.02
C GLU A 230 -31.97 12.75 6.47
N ALA A 231 -30.82 12.99 7.09
CA ALA A 231 -29.92 14.05 6.64
C ALA A 231 -29.44 13.81 5.20
N THR A 232 -29.06 12.58 4.86
CA THR A 232 -28.58 12.36 3.50
C THR A 232 -29.73 12.55 2.51
N GLU A 233 -30.96 12.28 2.94
CA GLU A 233 -32.12 12.43 2.05
C GLU A 233 -32.51 13.91 1.84
N ARG A 234 -32.30 14.71 2.87
CA ARG A 234 -32.62 16.14 2.82
C ARG A 234 -31.71 16.87 1.82
N VAL A 235 -30.47 16.38 1.69
CA VAL A 235 -29.48 16.94 0.77
C VAL A 235 -30.06 17.11 -0.64
N LYS A 236 -30.73 16.07 -1.13
CA LYS A 236 -31.30 16.09 -2.47
C LYS A 236 -32.43 17.11 -2.70
N ARG A 237 -33.10 17.51 -1.62
CA ARG A 237 -34.24 18.41 -1.75
C ARG A 237 -33.94 19.90 -1.62
N THR A 238 -32.67 20.28 -1.68
CA THR A 238 -32.35 21.70 -1.56
C THR A 238 -31.07 22.07 -2.28
N LYS A 239 -30.98 23.34 -2.66
CA LYS A 239 -29.79 23.86 -3.35
C LYS A 239 -29.27 25.05 -2.54
N ASP A 240 -29.80 25.21 -1.32
CA ASP A 240 -29.41 26.29 -0.42
C ASP A 240 -28.08 25.92 0.25
N GLU A 241 -27.03 26.64 -0.10
CA GLU A 241 -25.70 26.40 0.43
C GLU A 241 -25.64 26.37 1.95
N LEU A 242 -26.31 27.31 2.61
CA LEU A 242 -26.25 27.34 4.06
C LEU A 242 -26.86 26.11 4.71
N GLU A 243 -27.92 25.59 4.10
CA GLU A 243 -28.57 24.41 4.63
C GLU A 243 -27.64 23.20 4.45
N ILE A 244 -27.01 23.11 3.29
CA ILE A 244 -26.10 21.99 3.03
C ILE A 244 -24.89 22.08 3.95
N ILE A 245 -24.35 23.28 4.12
CA ILE A 245 -23.20 23.43 5.00
C ILE A 245 -23.56 22.97 6.41
N HIS A 246 -24.76 23.29 6.86
CA HIS A 246 -25.17 22.87 8.19
C HIS A 246 -25.22 21.33 8.28
N LEU A 247 -25.60 20.67 7.19
CA LEU A 247 -25.68 19.21 7.15
C LEU A 247 -24.29 18.60 7.21
N ILE A 248 -23.33 19.22 6.52
CA ILE A 248 -21.96 18.73 6.53
C ILE A 248 -21.39 18.95 7.94
N ASP A 249 -21.68 20.12 8.51
CA ASP A 249 -21.19 20.45 9.85
C ASP A 249 -21.69 19.46 10.89
N GLU A 250 -22.99 19.18 10.89
CA GLU A 250 -23.57 18.28 11.87
C GLU A 250 -23.44 16.79 11.61
N TYR A 251 -23.54 16.36 10.35
CA TYR A 251 -23.49 14.93 10.09
C TYR A 251 -22.24 14.43 9.39
N ARG A 252 -21.33 15.35 9.08
CA ARG A 252 -20.06 15.01 8.44
C ARG A 252 -20.24 14.27 7.13
N LEU A 253 -21.14 14.79 6.30
CA LEU A 253 -21.38 14.21 4.99
C LEU A 253 -20.13 14.57 4.20
N VAL A 254 -19.83 13.76 3.19
CA VAL A 254 -18.67 13.99 2.32
C VAL A 254 -19.14 14.28 0.91
N ARG A 255 -18.19 14.60 0.05
CA ARG A 255 -18.46 14.93 -1.34
C ARG A 255 -19.46 14.00 -2.05
N GLU A 256 -19.28 12.70 -1.87
CA GLU A 256 -20.14 11.71 -2.53
C GLU A 256 -21.62 11.68 -2.08
N HIS A 257 -21.99 12.50 -1.09
CA HIS A 257 -23.38 12.55 -0.61
C HIS A 257 -24.11 13.72 -1.25
N LEU A 258 -23.35 14.63 -1.87
CA LEU A 258 -23.90 15.84 -2.43
C LEU A 258 -24.34 15.87 -3.89
N LEU A 259 -25.14 16.88 -4.22
CA LEU A 259 -25.60 17.07 -5.57
C LEU A 259 -24.49 17.78 -6.33
N THR A 260 -24.46 17.59 -7.64
CA THR A 260 -23.45 18.22 -8.46
C THR A 260 -23.53 19.73 -8.29
N ILE A 261 -24.75 20.26 -8.24
CA ILE A 261 -24.87 21.70 -8.09
C ILE A 261 -24.25 22.18 -6.79
N HIS A 262 -24.26 21.34 -5.76
CA HIS A 262 -23.65 21.71 -4.48
C HIS A 262 -22.14 21.82 -4.63
N LEU A 263 -21.58 20.91 -5.43
CA LEU A 263 -20.15 20.87 -5.63
C LEU A 263 -19.59 21.99 -6.50
N LYS A 264 -20.46 22.93 -6.86
CA LYS A 264 -20.03 24.07 -7.66
C LYS A 264 -19.70 25.24 -6.69
N SER A 265 -20.08 25.07 -5.43
CA SER A 265 -19.87 26.10 -4.41
C SER A 265 -18.53 26.03 -3.71
N LYS A 266 -17.82 27.16 -3.66
CA LYS A 266 -16.53 27.20 -2.98
C LYS A 266 -16.69 27.01 -1.47
N GLU A 267 -17.75 27.60 -0.90
CA GLU A 267 -17.99 27.50 0.54
C GLU A 267 -18.36 26.09 0.97
N ILE A 268 -19.12 25.41 0.12
CA ILE A 268 -19.48 24.02 0.43
C ILE A 268 -18.19 23.21 0.44
N TRP A 269 -17.31 23.46 -0.52
CA TRP A 269 -16.03 22.73 -0.57
C TRP A 269 -15.17 23.04 0.65
N LYS A 270 -15.26 24.27 1.15
CA LYS A 270 -14.48 24.62 2.34
C LYS A 270 -15.04 23.91 3.56
N SER A 271 -16.34 23.65 3.57
CA SER A 271 -16.97 22.95 4.67
C SER A 271 -16.60 21.49 4.55
N LEU A 272 -16.52 20.99 3.32
CA LEU A 272 -16.12 19.61 3.08
C LEU A 272 -14.63 19.44 3.48
N LEU A 273 -13.83 20.46 3.24
CA LEU A 273 -12.41 20.39 3.55
C LEU A 273 -12.12 20.22 5.04
N GLN A 274 -12.94 20.87 5.85
CA GLN A 274 -12.79 20.85 7.30
C GLN A 274 -12.49 19.51 7.93
N ASP A 275 -13.27 18.49 7.62
CA ASP A 275 -13.04 17.18 8.19
C ASP A 275 -12.83 16.13 7.08
N MET A 276 -12.32 16.56 5.93
CA MET A 276 -12.12 15.66 4.80
C MET A 276 -11.22 14.46 5.16
N PRO A 277 -11.71 13.21 4.96
CA PRO A 277 -10.88 12.03 5.29
C PRO A 277 -9.55 12.21 4.54
N LEU A 278 -8.42 11.90 5.19
CA LEU A 278 -7.12 12.12 4.54
C LEU A 278 -6.93 11.53 3.15
N THR A 279 -7.43 10.32 2.93
CA THR A 279 -7.29 9.72 1.60
C THR A 279 -7.95 10.59 0.54
N ALA A 280 -9.15 11.09 0.84
CA ALA A 280 -9.85 11.96 -0.11
C ALA A 280 -9.10 13.29 -0.27
N LEU A 281 -8.56 13.80 0.84
CA LEU A 281 -7.80 15.06 0.82
C LEU A 281 -6.64 14.92 -0.16
N LEU A 282 -5.89 13.83 -0.05
CA LEU A 282 -4.75 13.59 -0.93
C LEU A 282 -5.16 13.63 -2.40
N ARG A 283 -6.31 13.04 -2.70
CA ARG A 283 -6.80 13.01 -4.07
C ARG A 283 -7.31 14.35 -4.57
N ASN A 284 -7.83 15.17 -3.66
CA ASN A 284 -8.41 16.44 -4.06
C ASN A 284 -7.50 17.67 -4.01
N LEU A 285 -6.25 17.51 -3.60
CA LEU A 285 -5.34 18.66 -3.49
C LEU A 285 -5.30 19.53 -4.74
N GLY A 286 -5.00 18.93 -5.89
CA GLY A 286 -4.92 19.69 -7.12
C GLY A 286 -6.19 20.46 -7.45
N LYS A 287 -7.33 19.78 -7.41
CA LYS A 287 -8.61 20.42 -7.74
C LYS A 287 -8.95 21.55 -6.79
N MET A 288 -8.78 21.32 -5.50
CA MET A 288 -9.10 22.36 -4.53
C MET A 288 -8.15 23.56 -4.65
N THR A 289 -6.97 23.33 -5.19
CA THR A 289 -6.02 24.43 -5.37
C THR A 289 -6.45 25.20 -6.62
N ALA A 290 -6.76 24.47 -7.68
CA ALA A 290 -7.20 25.13 -8.90
C ALA A 290 -8.46 25.93 -8.63
N ASP A 291 -9.33 25.40 -7.76
CA ASP A 291 -10.60 26.05 -7.41
C ASP A 291 -10.51 27.18 -6.36
N SER A 292 -9.29 27.56 -5.98
CA SER A 292 -9.10 28.61 -4.97
C SER A 292 -9.57 28.19 -3.59
N VAL A 293 -9.93 26.91 -3.44
CA VAL A 293 -10.35 26.44 -2.13
C VAL A 293 -9.13 26.37 -1.20
N LEU A 294 -7.97 26.00 -1.74
CA LEU A 294 -6.74 25.97 -0.95
C LEU A 294 -5.87 27.11 -1.47
N ALA A 295 -6.29 28.35 -1.19
CA ALA A 295 -5.58 29.53 -1.65
C ALA A 295 -4.24 29.78 -0.95
N PRO A 296 -3.27 30.36 -1.68
CA PRO A 296 -1.96 30.62 -1.07
C PRO A 296 -2.08 31.45 0.21
N ALA A 297 -1.30 31.09 1.22
CA ALA A 297 -1.28 31.81 2.48
C ALA A 297 -2.56 31.71 3.31
N SER A 298 -3.48 30.85 2.91
CA SER A 298 -4.75 30.70 3.62
C SER A 298 -4.73 29.81 4.85
N SER A 299 -5.73 30.00 5.71
CA SER A 299 -5.85 29.19 6.91
C SER A 299 -6.24 27.77 6.47
N GLU A 300 -6.90 27.68 5.32
CA GLU A 300 -7.31 26.39 4.76
C GLU A 300 -6.08 25.57 4.48
N VAL A 301 -5.08 26.20 3.87
CA VAL A 301 -3.81 25.55 3.55
C VAL A 301 -3.11 25.15 4.85
N SER A 302 -3.09 26.05 5.82
CA SER A 302 -2.43 25.76 7.10
C SER A 302 -3.01 24.55 7.82
N SER A 303 -4.34 24.45 7.86
CA SER A 303 -5.00 23.32 8.52
C SER A 303 -4.64 22.01 7.82
N VAL A 304 -4.61 22.07 6.48
CA VAL A 304 -4.27 20.90 5.68
C VAL A 304 -2.86 20.45 6.02
N CYS A 305 -1.94 21.40 6.06
CA CYS A 305 -0.56 21.06 6.37
C CYS A 305 -0.43 20.42 7.74
N GLU A 306 -1.22 20.89 8.69
CA GLU A 306 -1.18 20.35 10.04
C GLU A 306 -1.79 18.96 10.13
N ARG A 307 -2.81 18.69 9.33
CA ARG A 307 -3.43 17.37 9.38
C ARG A 307 -2.51 16.35 8.72
N LEU A 308 -1.89 16.74 7.60
CA LEU A 308 -0.98 15.87 6.87
C LEU A 308 0.31 15.51 7.62
N THR A 309 0.73 16.38 8.55
CA THR A 309 1.95 16.12 9.29
C THR A 309 1.69 15.61 10.70
N ASN A 310 0.46 15.18 10.94
CA ASN A 310 0.07 14.64 12.23
C ASN A 310 0.15 13.12 12.15
N GLU A 311 1.26 12.56 12.63
CA GLU A 311 1.47 11.12 12.58
C GLU A 311 0.31 10.28 13.11
N LYS A 312 -0.35 10.75 14.16
CA LYS A 312 -1.47 10.01 14.73
C LYS A 312 -2.66 9.96 13.79
N LEU A 313 -2.84 11.02 13.01
CA LEU A 313 -3.95 11.06 12.06
C LEU A 313 -3.65 10.20 10.84
N LEU A 314 -2.40 10.24 10.38
CA LEU A 314 -2.03 9.44 9.21
C LEU A 314 -2.27 7.96 9.50
N LYS A 315 -1.84 7.50 10.67
CA LYS A 315 -2.03 6.11 11.06
C LYS A 315 -3.51 5.74 11.12
N LYS A 316 -4.32 6.61 11.74
CA LYS A 316 -5.75 6.34 11.88
C LYS A 316 -6.50 6.38 10.56
N ALA A 317 -6.02 7.18 9.63
CA ALA A 317 -6.64 7.30 8.31
C ALA A 317 -6.00 6.29 7.36
N ARG A 318 -5.13 5.44 7.92
CA ARG A 318 -4.44 4.41 7.17
C ARG A 318 -3.72 4.94 5.93
N ILE A 319 -2.98 6.02 6.10
CA ILE A 319 -2.24 6.60 4.98
C ILE A 319 -0.89 5.89 4.87
N HIS A 320 -0.71 5.19 3.76
CA HIS A 320 0.52 4.42 3.51
C HIS A 320 1.54 5.35 2.86
N PRO A 321 2.83 5.15 3.14
CA PRO A 321 3.82 6.03 2.51
C PRO A 321 3.74 6.06 0.99
N PHE A 322 3.39 4.94 0.38
CA PHE A 322 3.28 4.96 -1.08
C PHE A 322 2.13 5.87 -1.51
N HIS A 323 1.07 5.98 -0.70
CA HIS A 323 -0.06 6.84 -1.04
C HIS A 323 0.44 8.28 -1.12
N ILE A 324 1.25 8.64 -0.13
CA ILE A 324 1.82 9.98 -0.07
C ILE A 324 2.80 10.28 -1.20
N LEU A 325 3.62 9.30 -1.58
CA LEU A 325 4.60 9.49 -2.67
C LEU A 325 3.84 9.77 -3.96
N VAL A 326 2.83 8.96 -4.23
CA VAL A 326 2.04 9.13 -5.44
C VAL A 326 1.27 10.45 -5.43
N ALA A 327 0.70 10.79 -4.28
CA ALA A 327 -0.07 12.02 -4.15
C ALA A 327 0.83 13.23 -4.37
N LEU A 328 2.06 13.12 -3.91
CA LEU A 328 3.05 14.20 -4.05
C LEU A 328 3.44 14.43 -5.50
N GLU A 329 3.74 13.34 -6.21
CA GLU A 329 4.14 13.45 -7.60
C GLU A 329 3.01 14.09 -8.39
N THR A 330 1.80 13.59 -8.16
CA THR A 330 0.61 14.08 -8.85
C THR A 330 0.36 15.58 -8.58
N TYR A 331 0.48 15.97 -7.31
CA TYR A 331 0.24 17.35 -6.92
C TYR A 331 1.32 18.31 -7.44
N LYS A 332 2.59 17.93 -7.28
CA LYS A 332 3.70 18.79 -7.71
C LYS A 332 3.67 19.05 -9.21
N LYS A 333 3.13 18.08 -9.96
CA LYS A 333 3.04 18.18 -11.42
C LYS A 333 2.29 19.44 -11.89
N GLY A 334 1.23 19.81 -11.18
CA GLY A 334 0.48 21.00 -11.54
C GLY A 334 -0.66 20.86 -12.54
N HIS A 335 -0.95 19.64 -12.98
CA HIS A 335 -2.05 19.44 -13.93
C HIS A 335 -2.51 17.99 -13.91
N LEU A 341 -7.29 20.27 -16.12
CA LEU A 341 -7.15 20.80 -14.76
C LEU A 341 -5.72 21.24 -14.55
N ARG A 342 -5.55 22.48 -14.11
CA ARG A 342 -4.22 23.05 -13.89
C ARG A 342 -4.22 23.83 -12.58
N TRP A 343 -3.07 23.87 -11.92
CA TRP A 343 -2.98 24.59 -10.67
C TRP A 343 -1.54 24.89 -10.33
N ILE A 344 -1.34 25.79 -9.37
CA ILE A 344 0.00 26.15 -8.91
C ILE A 344 0.20 25.37 -7.63
N PRO A 345 1.07 24.35 -7.65
CA PRO A 345 1.27 23.60 -6.41
C PRO A 345 1.72 24.45 -5.24
N ASP A 346 0.95 24.41 -4.16
CA ASP A 346 1.25 25.16 -2.94
C ASP A 346 2.52 24.62 -2.32
N THR A 347 3.51 25.48 -2.12
CA THR A 347 4.78 25.03 -1.57
C THR A 347 4.73 24.48 -0.15
N SER A 348 3.85 25.01 0.68
CA SER A 348 3.76 24.52 2.04
C SER A 348 3.12 23.13 2.04
N ILE A 349 2.22 22.87 1.10
CA ILE A 349 1.59 21.54 1.04
C ILE A 349 2.63 20.55 0.53
N VAL A 350 3.43 20.98 -0.45
CA VAL A 350 4.49 20.13 -1.01
C VAL A 350 5.43 19.72 0.13
N GLU A 351 5.78 20.68 0.99
CA GLU A 351 6.67 20.36 2.10
C GLU A 351 5.98 19.46 3.11
N ALA A 352 4.70 19.70 3.34
CA ALA A 352 3.96 18.88 4.29
C ALA A 352 3.92 17.41 3.85
N LEU A 353 3.78 17.18 2.54
CA LEU A 353 3.73 15.81 2.01
C LEU A 353 5.08 15.13 2.22
N ASP A 354 6.16 15.86 1.97
CA ASP A 354 7.49 15.29 2.18
C ASP A 354 7.63 14.82 3.65
N ASN A 355 7.17 15.67 4.56
CA ASN A 355 7.20 15.41 6.00
C ASN A 355 6.32 14.23 6.39
N ALA A 356 5.13 14.17 5.81
CA ALA A 356 4.17 13.10 6.08
C ALA A 356 4.70 11.75 5.60
N PHE A 357 5.41 11.74 4.48
CA PHE A 357 5.97 10.51 3.96
C PHE A 357 6.72 9.73 5.04
N TYR A 358 7.66 10.40 5.70
CA TYR A 358 8.46 9.73 6.72
C TYR A 358 7.66 9.26 7.93
N LYS A 359 6.71 10.08 8.35
CA LYS A 359 5.89 9.74 9.50
C LYS A 359 4.92 8.61 9.25
N SER A 360 4.68 8.25 8.00
CA SER A 360 3.72 7.18 7.68
C SER A 360 4.28 5.75 7.81
N PHE A 361 5.60 5.62 7.91
CA PHE A 361 6.20 4.30 8.11
C PHE A 361 6.20 4.04 9.61
N LYS A 362 6.31 2.77 10.01
CA LYS A 362 6.35 2.46 11.43
C LYS A 362 7.75 2.85 11.88
N LEU A 363 7.83 3.80 12.80
CA LEU A 363 9.12 4.28 13.29
C LEU A 363 9.79 3.37 14.31
N VAL A 364 11.11 3.25 14.21
CA VAL A 364 11.91 2.42 15.11
C VAL A 364 13.17 3.18 15.54
N GLU A 365 13.77 2.76 16.65
CA GLU A 365 14.98 3.40 17.14
C GLU A 365 16.14 3.08 16.21
N PRO A 366 17.00 4.06 15.91
CA PRO A 366 18.14 3.80 15.03
C PRO A 366 19.12 2.76 15.61
N THR A 367 19.80 2.05 14.73
CA THR A 367 20.74 1.02 15.17
C THR A 367 22.13 1.64 15.34
N GLY A 368 22.31 2.84 14.78
CA GLY A 368 23.59 3.50 14.86
C GLY A 368 24.70 2.78 14.13
N LYS A 369 24.36 1.76 13.35
CA LYS A 369 25.36 1.03 12.58
C LYS A 369 25.72 1.76 11.27
N ARG A 370 26.68 1.21 10.55
CA ARG A 370 27.11 1.82 9.30
C ARG A 370 26.42 1.17 8.09
N PHE A 371 25.61 1.96 7.40
CA PHE A 371 24.86 1.47 6.24
C PHE A 371 25.35 1.97 4.88
N LEU A 372 25.37 1.06 3.92
CA LEU A 372 25.71 1.39 2.54
C LEU A 372 24.38 1.10 1.82
N LEU A 373 23.75 2.14 1.28
CA LEU A 373 22.47 2.00 0.60
C LEU A 373 22.69 2.13 -0.90
N ALA A 374 22.38 1.05 -1.64
CA ALA A 374 22.63 1.00 -3.08
C ALA A 374 21.38 0.90 -3.91
N ILE A 375 21.16 1.87 -4.79
CA ILE A 375 19.98 1.89 -5.67
C ILE A 375 20.30 1.40 -7.08
N ASP A 376 19.57 0.38 -7.53
CA ASP A 376 19.73 -0.16 -8.88
C ASP A 376 19.08 0.83 -9.86
N VAL A 377 19.85 1.39 -10.80
CA VAL A 377 19.29 2.30 -11.78
C VAL A 377 19.52 1.76 -13.20
N SER A 378 19.51 0.43 -13.31
CA SER A 378 19.67 -0.21 -14.61
C SER A 378 18.34 -0.09 -15.40
N ALA A 379 18.38 -0.51 -16.65
CA ALA A 379 17.24 -0.42 -17.56
C ALA A 379 15.93 -1.03 -17.07
N SER A 380 16.02 -2.23 -16.50
CA SER A 380 14.79 -2.89 -16.06
C SER A 380 14.08 -2.15 -14.94
N MET A 381 14.80 -1.27 -14.25
CA MET A 381 14.20 -0.53 -13.16
C MET A 381 13.27 0.57 -13.63
N ASN A 382 13.10 0.71 -14.95
CA ASN A 382 12.17 1.71 -15.49
C ASN A 382 10.77 1.10 -15.30
N GLN A 383 10.71 -0.18 -14.95
CA GLN A 383 9.41 -0.82 -14.76
C GLN A 383 8.58 0.00 -13.74
N ARG A 384 7.28 0.09 -14.00
CA ARG A 384 6.36 0.87 -13.16
C ARG A 384 5.89 0.08 -11.94
N VAL A 385 5.70 0.79 -10.83
CA VAL A 385 5.31 0.18 -9.56
C VAL A 385 3.84 0.43 -9.16
N LEU A 386 3.13 -0.65 -8.80
CA LEU A 386 1.75 -0.56 -8.34
C LEU A 386 0.78 0.18 -9.27
N GLY A 387 1.00 0.06 -10.57
CA GLY A 387 0.14 0.71 -11.57
C GLY A 387 0.23 2.23 -11.56
N SER A 388 1.25 2.77 -10.92
CA SER A 388 1.45 4.22 -10.85
C SER A 388 2.40 4.64 -11.96
N ILE A 389 2.66 5.93 -12.07
CA ILE A 389 3.59 6.39 -13.10
C ILE A 389 5.02 6.39 -12.57
N LEU A 390 5.21 5.96 -11.32
CA LEU A 390 6.54 5.92 -10.69
C LEU A 390 7.30 4.64 -11.04
N ASN A 391 8.55 4.76 -11.49
CA ASN A 391 9.31 3.54 -11.80
C ASN A 391 10.01 2.99 -10.56
N ALA A 392 10.52 1.76 -10.67
CA ALA A 392 11.16 1.10 -9.55
C ALA A 392 12.36 1.84 -8.95
N SER A 393 13.14 2.56 -9.76
CA SER A 393 14.28 3.31 -9.22
C SER A 393 13.82 4.50 -8.36
N VAL A 394 12.70 5.11 -8.72
CA VAL A 394 12.16 6.23 -7.94
C VAL A 394 11.67 5.68 -6.58
N VAL A 395 10.93 4.59 -6.63
CA VAL A 395 10.39 3.97 -5.43
C VAL A 395 11.55 3.48 -4.57
N ALA A 396 12.57 2.91 -5.18
CA ALA A 396 13.74 2.46 -4.41
C ALA A 396 14.41 3.66 -3.74
N ALA A 397 14.50 4.76 -4.47
CA ALA A 397 15.13 5.98 -3.94
C ALA A 397 14.36 6.47 -2.73
N ALA A 398 13.05 6.36 -2.79
CA ALA A 398 12.23 6.80 -1.66
C ALA A 398 12.52 5.88 -0.46
N MET A 399 12.70 4.59 -0.71
CA MET A 399 12.99 3.65 0.39
C MET A 399 14.37 3.92 0.98
N CYS A 400 15.30 4.26 0.10
CA CYS A 400 16.67 4.56 0.48
C CYS A 400 16.67 5.81 1.37
N MET A 401 15.89 6.82 0.98
CA MET A 401 15.77 8.06 1.76
C MET A 401 15.23 7.78 3.14
N LEU A 402 14.26 6.87 3.22
CA LEU A 402 13.67 6.51 4.50
C LEU A 402 14.75 6.00 5.45
N VAL A 403 15.53 5.04 4.97
CA VAL A 403 16.62 4.45 5.75
C VAL A 403 17.67 5.49 6.13
N ALA A 404 18.10 6.29 5.17
CA ALA A 404 19.11 7.32 5.42
C ALA A 404 18.65 8.33 6.46
N ARG A 405 17.37 8.69 6.41
CA ARG A 405 16.83 9.64 7.36
C ARG A 405 16.79 9.09 8.77
N THR A 406 16.63 7.77 8.93
CA THR A 406 16.59 7.21 10.27
C THR A 406 17.96 6.73 10.78
N GLU A 407 18.84 6.34 9.87
CA GLU A 407 20.17 5.88 10.23
C GLU A 407 21.23 6.88 9.78
N LYS A 408 21.58 7.80 10.70
CA LYS A 408 22.56 8.86 10.44
C LYS A 408 23.77 8.39 9.61
N ASP A 409 24.40 7.31 10.04
CA ASP A 409 25.58 6.81 9.33
C ASP A 409 25.19 5.99 8.09
N SER A 410 24.69 6.68 7.08
CA SER A 410 24.29 6.04 5.83
C SER A 410 24.94 6.72 4.65
N HIS A 411 25.45 5.91 3.74
CA HIS A 411 26.08 6.41 2.52
C HIS A 411 25.30 5.84 1.33
N MET A 412 24.81 6.73 0.47
CA MET A 412 24.03 6.31 -0.69
C MET A 412 24.82 6.22 -1.98
N VAL A 413 24.58 5.15 -2.73
CA VAL A 413 25.26 4.91 -3.99
C VAL A 413 24.22 4.40 -4.99
N ALA A 414 24.55 4.53 -6.26
CA ALA A 414 23.69 4.08 -7.35
C ALA A 414 24.52 3.23 -8.29
N PHE A 415 23.89 2.32 -9.02
CA PHE A 415 24.63 1.46 -9.93
C PHE A 415 23.78 0.83 -11.03
N SER A 416 24.45 0.45 -12.11
CA SER A 416 23.79 -0.27 -13.21
C SER A 416 24.84 -1.36 -13.43
N ASP A 417 25.65 -1.24 -14.48
CA ASP A 417 26.73 -2.21 -14.74
C ASP A 417 28.08 -1.56 -14.39
N GLU A 418 28.01 -0.41 -13.72
CA GLU A 418 29.17 0.34 -13.26
C GLU A 418 28.59 1.23 -12.15
N MET A 419 29.43 1.67 -11.21
CA MET A 419 28.93 2.55 -10.15
C MET A 419 28.64 3.89 -10.81
N LEU A 420 27.64 4.59 -10.31
CA LEU A 420 27.27 5.86 -10.91
C LEU A 420 27.13 6.93 -9.85
N PRO A 421 27.34 8.19 -10.21
CA PRO A 421 27.19 9.24 -9.19
C PRO A 421 25.76 9.20 -8.65
N CYS A 422 25.62 9.26 -7.34
CA CYS A 422 24.28 9.20 -6.76
C CYS A 422 23.56 10.52 -6.96
N PRO A 423 22.50 10.54 -7.78
CA PRO A 423 21.70 11.73 -8.08
C PRO A 423 20.95 12.34 -6.89
N ILE A 424 20.87 11.61 -5.78
CA ILE A 424 20.17 12.15 -4.63
C ILE A 424 21.01 12.28 -3.38
N THR A 425 20.63 13.23 -2.54
CA THR A 425 21.29 13.49 -1.27
C THR A 425 20.23 13.50 -0.18
N VAL A 426 20.55 12.95 0.98
CA VAL A 426 19.61 12.84 2.09
C VAL A 426 18.88 14.13 2.47
N ASN A 427 19.42 15.27 2.05
CA ASN A 427 18.79 16.54 2.39
C ASN A 427 17.71 16.99 1.41
N MET A 428 17.60 16.31 0.27
CA MET A 428 16.59 16.69 -0.72
C MET A 428 15.18 16.40 -0.20
N LEU A 429 14.21 17.15 -0.70
CA LEU A 429 12.80 16.95 -0.35
C LEU A 429 12.34 15.85 -1.30
N LEU A 430 11.29 15.13 -0.93
CA LEU A 430 10.83 14.04 -1.77
C LEU A 430 10.54 14.38 -3.23
N HIS A 431 9.87 15.49 -3.48
CA HIS A 431 9.56 15.82 -4.85
C HIS A 431 10.85 15.91 -5.68
N GLU A 432 11.95 16.32 -5.05
CA GLU A 432 13.24 16.43 -5.77
C GLU A 432 13.78 15.06 -6.11
N VAL A 433 13.68 14.14 -5.15
CA VAL A 433 14.14 12.78 -5.35
C VAL A 433 13.44 12.23 -6.58
N VAL A 434 12.12 12.39 -6.62
CA VAL A 434 11.34 11.88 -7.73
C VAL A 434 11.81 12.44 -9.07
N GLU A 435 12.01 13.75 -9.14
CA GLU A 435 12.47 14.40 -10.36
C GLU A 435 13.80 13.82 -10.87
N LYS A 436 14.77 13.75 -9.98
CA LYS A 436 16.10 13.24 -10.32
C LYS A 436 16.13 11.79 -10.82
N MET A 437 15.21 10.97 -10.32
CA MET A 437 15.16 9.55 -10.67
C MET A 437 14.23 9.13 -11.81
N SER A 438 13.42 10.06 -12.29
CA SER A 438 12.46 9.74 -13.35
C SER A 438 13.01 9.20 -14.69
N ASP A 439 14.17 9.70 -15.14
CA ASP A 439 14.76 9.25 -16.42
C ASP A 439 16.18 8.71 -16.30
N ILE A 440 16.55 8.22 -15.13
CA ILE A 440 17.90 7.76 -14.86
C ILE A 440 18.16 6.28 -15.15
N THR A 441 17.12 5.54 -15.51
CA THR A 441 17.30 4.12 -15.75
C THR A 441 17.85 3.71 -17.12
N MET A 442 18.87 2.85 -17.09
CA MET A 442 19.48 2.31 -18.31
C MET A 442 20.72 1.48 -18.03
N GLY A 443 21.05 0.60 -18.96
CA GLY A 443 22.23 -0.24 -18.81
C GLY A 443 21.94 -1.60 -18.20
N SER A 444 22.95 -2.45 -18.25
CA SER A 444 22.86 -3.80 -17.70
C SER A 444 22.94 -3.71 -16.20
N THR A 445 22.99 -4.87 -15.54
CA THR A 445 22.96 -4.92 -14.09
C THR A 445 24.00 -5.78 -13.43
N ASP A 446 24.71 -5.22 -12.45
CA ASP A 446 25.71 -5.99 -11.71
C ASP A 446 25.47 -5.73 -10.23
N CYS A 447 24.66 -6.59 -9.61
CA CYS A 447 24.33 -6.43 -8.20
C CYS A 447 25.51 -6.64 -7.24
N ALA A 448 26.66 -7.04 -7.75
CA ALA A 448 27.82 -7.26 -6.88
C ALA A 448 28.59 -5.93 -6.62
N LEU A 449 28.37 -4.97 -7.49
CA LEU A 449 29.03 -3.66 -7.43
C LEU A 449 29.11 -2.95 -6.08
N PRO A 450 27.98 -2.79 -5.36
CA PRO A 450 28.07 -2.09 -4.08
C PRO A 450 29.12 -2.69 -3.13
N MET A 451 29.14 -4.02 -3.01
CA MET A 451 30.12 -4.65 -2.14
C MET A 451 31.54 -4.49 -2.71
N LEU A 452 31.70 -4.73 -4.01
CA LEU A 452 33.01 -4.61 -4.66
C LEU A 452 33.55 -3.19 -4.55
N TRP A 453 32.68 -2.20 -4.77
CA TRP A 453 33.08 -0.81 -4.69
C TRP A 453 33.48 -0.40 -3.27
N ALA A 454 32.71 -0.87 -2.29
CA ALA A 454 32.96 -0.57 -0.88
C ALA A 454 34.35 -1.09 -0.49
N GLN A 455 34.72 -2.22 -1.06
CA GLN A 455 36.00 -2.83 -0.79
C GLN A 455 37.13 -2.01 -1.39
N LYS A 456 37.06 -1.79 -2.71
CA LYS A 456 38.08 -1.03 -3.42
C LYS A 456 38.36 0.32 -2.75
N THR A 457 37.30 1.02 -2.38
CA THR A 457 37.45 2.32 -1.77
C THR A 457 37.60 2.24 -0.26
N ASN A 458 37.78 1.01 0.24
CA ASN A 458 37.93 0.77 1.66
C ASN A 458 36.90 1.50 2.54
N THR A 459 35.64 1.52 2.09
CA THR A 459 34.57 2.17 2.87
C THR A 459 33.96 1.16 3.84
N ALA A 460 33.86 1.56 5.11
CA ALA A 460 33.34 0.68 6.15
C ALA A 460 31.83 0.64 6.23
N ALA A 461 31.27 -0.56 6.19
CA ALA A 461 29.82 -0.73 6.28
C ALA A 461 29.49 -2.03 7.01
N ASP A 462 28.56 -1.94 7.96
CA ASP A 462 28.11 -3.11 8.72
C ASP A 462 26.97 -3.77 7.98
N ILE A 463 26.18 -2.95 7.28
CA ILE A 463 25.01 -3.43 6.54
C ILE A 463 24.92 -2.86 5.13
N PHE A 464 24.70 -3.75 4.16
CA PHE A 464 24.52 -3.34 2.77
C PHE A 464 23.02 -3.52 2.48
N ILE A 465 22.37 -2.51 1.91
CA ILE A 465 20.95 -2.68 1.54
C ILE A 465 20.94 -2.32 0.07
N VAL A 466 20.64 -3.33 -0.74
CA VAL A 466 20.58 -3.17 -2.18
C VAL A 466 19.11 -3.17 -2.62
N PHE A 467 18.67 -2.05 -3.20
CA PHE A 467 17.29 -1.90 -3.68
C PHE A 467 17.26 -2.32 -5.14
N THR A 468 16.74 -3.50 -5.42
CA THR A 468 16.79 -4.05 -6.76
C THR A 468 15.69 -5.07 -7.05
N ASP A 469 15.62 -5.51 -8.29
CA ASP A 469 14.67 -6.53 -8.72
C ASP A 469 15.42 -7.85 -8.85
N CYS A 470 16.70 -7.82 -8.53
CA CYS A 470 17.55 -9.00 -8.57
C CYS A 470 17.78 -9.62 -9.95
N GLU A 471 17.49 -8.88 -11.01
CA GLU A 471 17.71 -9.41 -12.35
C GLU A 471 19.15 -9.11 -12.81
N THR A 472 20.14 -9.48 -11.97
CA THR A 472 21.55 -9.23 -12.28
C THR A 472 21.94 -10.04 -13.54
N ASN A 473 22.86 -9.53 -14.35
CA ASN A 473 23.20 -10.24 -15.58
C ASN A 473 24.56 -9.93 -16.21
N VAL A 474 25.59 -9.71 -15.39
CA VAL A 474 26.93 -9.43 -15.93
C VAL A 474 27.91 -10.53 -15.53
N GLU A 475 28.94 -10.72 -16.36
CA GLU A 475 29.95 -11.74 -16.08
C GLU A 475 30.95 -11.25 -15.05
N ASP A 476 30.47 -11.07 -13.82
CA ASP A 476 31.30 -10.61 -12.71
C ASP A 476 30.97 -11.56 -11.57
N VAL A 477 31.72 -11.49 -10.47
CA VAL A 477 31.47 -12.37 -9.33
C VAL A 477 30.04 -12.22 -8.84
N HIS A 478 29.51 -13.28 -8.25
CA HIS A 478 28.16 -13.27 -7.69
C HIS A 478 28.12 -12.25 -6.56
N PRO A 479 26.97 -11.61 -6.34
CA PRO A 479 26.96 -10.64 -5.25
C PRO A 479 27.26 -11.31 -3.90
N ALA A 480 26.78 -12.54 -3.71
CA ALA A 480 27.03 -13.25 -2.45
C ALA A 480 28.54 -13.40 -2.27
N THR A 481 29.22 -13.70 -3.38
CA THR A 481 30.66 -13.86 -3.39
C THR A 481 31.33 -12.54 -3.00
N ALA A 482 30.91 -11.44 -3.63
CA ALA A 482 31.46 -10.11 -3.34
C ALA A 482 31.30 -9.75 -1.87
N LEU A 483 30.20 -10.20 -1.27
CA LEU A 483 29.95 -9.92 0.13
C LEU A 483 30.97 -10.64 1.01
N LYS A 484 31.21 -11.91 0.70
CA LYS A 484 32.16 -12.72 1.48
C LYS A 484 33.57 -12.14 1.33
N GLN A 485 33.93 -11.75 0.11
CA GLN A 485 35.24 -11.15 -0.11
C GLN A 485 35.34 -9.83 0.65
N TYR A 486 34.23 -9.10 0.72
CA TYR A 486 34.25 -7.84 1.44
C TYR A 486 34.49 -8.10 2.91
N ARG A 487 33.84 -9.14 3.43
CA ARG A 487 33.96 -9.50 4.83
C ARG A 487 35.40 -9.80 5.19
N GLU A 488 36.00 -10.72 4.44
CA GLU A 488 37.38 -11.13 4.67
C GLU A 488 38.36 -9.96 4.61
N LYS A 489 38.44 -9.31 3.46
CA LYS A 489 39.34 -8.17 3.26
C LYS A 489 39.21 -7.08 4.31
N MET A 490 37.99 -6.65 4.55
CA MET A 490 37.73 -5.56 5.50
C MET A 490 37.69 -5.98 6.97
N GLY A 491 37.53 -7.27 7.21
CA GLY A 491 37.48 -7.72 8.60
C GLY A 491 36.19 -7.30 9.28
N ILE A 492 35.14 -7.06 8.50
CA ILE A 492 33.85 -6.68 9.06
C ILE A 492 32.86 -7.77 8.69
N PRO A 493 32.06 -8.24 9.65
CA PRO A 493 31.05 -9.28 9.39
C PRO A 493 29.78 -8.67 8.78
N ALA A 494 29.97 -7.91 7.71
CA ALA A 494 28.87 -7.22 7.04
C ALA A 494 27.72 -8.11 6.57
N LYS A 495 26.52 -7.60 6.74
CA LYS A 495 25.29 -8.30 6.34
C LYS A 495 24.77 -7.65 5.03
N LEU A 496 23.97 -8.41 4.28
CA LEU A 496 23.39 -7.90 3.05
C LEU A 496 21.88 -8.07 3.14
N ILE A 497 21.16 -6.97 2.96
CA ILE A 497 19.70 -6.98 2.96
C ILE A 497 19.30 -6.67 1.53
N VAL A 498 18.51 -7.54 0.93
CA VAL A 498 18.06 -7.32 -0.44
C VAL A 498 16.65 -6.79 -0.37
N CYS A 499 16.47 -5.53 -0.74
CA CYS A 499 15.14 -4.92 -0.71
C CYS A 499 14.51 -5.07 -2.09
N ALA A 500 13.67 -6.08 -2.25
CA ALA A 500 13.01 -6.36 -3.51
C ALA A 500 12.09 -5.22 -3.92
N MET A 501 12.06 -4.92 -5.21
CA MET A 501 11.25 -3.85 -5.75
C MET A 501 10.13 -4.37 -6.66
N THR A 502 10.03 -5.69 -6.81
CA THR A 502 8.97 -6.29 -7.63
C THR A 502 8.52 -7.58 -6.95
N SER A 503 7.45 -8.18 -7.45
CA SER A 503 7.00 -9.45 -6.89
C SER A 503 7.49 -10.63 -7.74
N ASN A 504 8.65 -10.49 -8.38
CA ASN A 504 9.18 -11.64 -9.11
C ASN A 504 9.68 -12.58 -8.01
N GLY A 505 10.17 -13.76 -8.36
CA GLY A 505 10.61 -14.67 -7.31
C GLY A 505 12.11 -14.84 -7.18
N PHE A 506 12.88 -13.81 -7.54
CA PHE A 506 14.35 -13.90 -7.48
C PHE A 506 14.99 -13.17 -6.32
N SER A 507 16.14 -13.68 -5.87
CA SER A 507 16.88 -13.07 -4.77
C SER A 507 18.38 -13.33 -4.91
N ILE A 508 19.17 -12.30 -4.62
CA ILE A 508 20.61 -12.45 -4.70
C ILE A 508 21.15 -12.89 -3.33
N ALA A 509 20.25 -13.01 -2.36
CA ALA A 509 20.67 -13.43 -1.04
C ALA A 509 20.75 -14.95 -0.92
N ASP A 510 21.84 -15.42 -0.33
CA ASP A 510 22.08 -16.84 -0.12
C ASP A 510 21.20 -17.27 1.06
N PRO A 511 20.27 -18.20 0.83
CA PRO A 511 19.40 -18.66 1.93
C PRO A 511 20.24 -19.34 3.02
N ASP A 512 21.39 -19.88 2.65
CA ASP A 512 22.25 -20.57 3.62
C ASP A 512 23.20 -19.68 4.43
N ASP A 513 23.17 -18.38 4.16
CA ASP A 513 24.02 -17.43 4.87
C ASP A 513 23.13 -16.60 5.81
N ARG A 514 23.33 -16.78 7.11
CA ARG A 514 22.54 -16.07 8.11
C ARG A 514 22.77 -14.56 8.07
N GLY A 515 23.82 -14.15 7.36
CA GLY A 515 24.14 -12.74 7.27
C GLY A 515 23.48 -12.04 6.08
N MET A 516 22.54 -12.72 5.43
CA MET A 516 21.82 -12.15 4.29
C MET A 516 20.32 -12.32 4.50
N LEU A 517 19.56 -11.28 4.16
CA LEU A 517 18.11 -11.30 4.37
C LEU A 517 17.33 -10.70 3.20
N ASP A 518 16.13 -11.23 2.96
CA ASP A 518 15.26 -10.71 1.90
C ASP A 518 14.15 -9.88 2.55
N ILE A 519 13.96 -8.65 2.09
CA ILE A 519 12.85 -7.85 2.58
C ILE A 519 12.17 -7.26 1.36
N CYS A 520 11.11 -6.48 1.61
CA CYS A 520 10.35 -5.93 0.51
C CYS A 520 10.20 -4.42 0.61
N GLY A 521 10.40 -3.73 -0.51
CA GLY A 521 10.24 -2.28 -0.54
C GLY A 521 8.79 -1.91 -0.28
N PHE A 522 8.59 -0.77 0.36
CA PHE A 522 7.27 -0.27 0.70
C PHE A 522 6.34 -1.14 1.53
N ASP A 523 6.97 -1.87 2.44
CA ASP A 523 6.28 -2.67 3.45
C ASP A 523 6.41 -1.58 4.52
N SER A 524 5.30 -1.04 5.03
CA SER A 524 5.36 0.06 5.98
C SER A 524 6.09 -0.30 7.29
N GLY A 525 6.28 -1.59 7.54
CA GLY A 525 6.98 -2.03 8.73
C GLY A 525 8.36 -2.58 8.40
N ALA A 526 8.93 -2.18 7.27
CA ALA A 526 10.25 -2.67 6.87
C ALA A 526 11.39 -2.28 7.82
N LEU A 527 11.33 -1.08 8.37
CA LEU A 527 12.38 -0.60 9.27
C LEU A 527 12.53 -1.51 10.48
N ASP A 528 11.44 -2.11 10.91
CA ASP A 528 11.46 -2.99 12.06
C ASP A 528 12.19 -4.28 11.72
N VAL A 529 11.93 -4.78 10.52
CA VAL A 529 12.58 -5.98 10.04
C VAL A 529 14.08 -5.68 9.95
N ILE A 530 14.42 -4.54 9.37
CA ILE A 530 15.84 -4.16 9.24
C ILE A 530 16.56 -4.08 10.59
N ARG A 531 15.92 -3.44 11.55
CA ARG A 531 16.45 -3.28 12.92
C ARG A 531 16.75 -4.61 13.58
N ASN A 532 15.75 -5.51 13.55
CA ASN A 532 15.91 -6.82 14.17
C ASN A 532 17.03 -7.65 13.54
N PHE A 533 17.18 -7.55 12.23
CA PHE A 533 18.22 -8.31 11.55
C PHE A 533 19.59 -7.72 11.83
N THR A 534 19.66 -6.40 11.87
CA THR A 534 20.92 -5.71 12.09
C THR A 534 21.48 -5.99 13.48
N LEU A 535 20.61 -6.11 14.47
CA LEU A 535 21.04 -6.34 15.84
C LEU A 535 20.79 -7.75 16.36
N ASP A 536 20.56 -8.68 15.44
CA ASP A 536 20.30 -10.08 15.78
C ASP A 536 19.27 -10.22 16.90
N LEU A 537 18.27 -9.33 16.90
CA LEU A 537 17.21 -9.35 17.90
C LEU A 537 16.26 -10.53 17.69
#